data_5MWE
#
_entry.id   5MWE
#
_cell.length_a   195.990
_cell.length_b   36.500
_cell.length_c   43.780
_cell.angle_alpha   90.00
_cell.angle_beta   102.84
_cell.angle_gamma   90.00
#
_symmetry.space_group_name_H-M   'C 1 2 1'
#
loop_
_entity.id
_entity.type
_entity.pdbx_description
1 polymer Centrosomin
2 polymer Centrosomin
3 non-polymer 'ZINC ION'
4 non-polymer 1,2-ETHANEDIOL
5 non-polymer "3,3',3''-phosphanetriyltripropanoic acid"
6 water water
#
loop_
_entity_poly.entity_id
_entity_poly.type
_entity_poly.pdbx_seq_one_letter_code
_entity_poly.pdbx_strand_id
1 'polypeptide(L)' GGSHDCAKVDLENAELRRKLIRTKRAFEDTYEKLRMANKAKAQVEKDIKNQILKTHNVLRNVRSNMENEL A,B
2 'polypeptide(L)'
;GPMDQQNSAVIGQLRLELQQARTEVETADKWRLECIDVCSVLTNRLEELAGFLNSLLKHKDVLGVLAADRRNAMRKAVDR
S
;
C,D
#
loop_
_chem_comp.id
_chem_comp.type
_chem_comp.name
_chem_comp.formula
EDO non-polymer 1,2-ETHANEDIOL 'C2 H6 O2'
TCE non-polymer '3,3',3''-phosphanetriyltripropanoic acid' 'C9 H15 O6 P'
ZN non-polymer 'ZINC ION' 'Zn 2'
#
# COMPACT_ATOMS: atom_id res chain seq x y z
N HIS A 4 -29.83 -42.98 1.32
CA HIS A 4 -29.70 -41.73 2.07
C HIS A 4 -31.07 -41.24 2.55
N ASP A 5 -31.09 -40.02 3.09
CA ASP A 5 -32.33 -39.33 3.39
C ASP A 5 -32.54 -38.25 2.34
N CYS A 6 -33.60 -38.41 1.54
CA CYS A 6 -33.85 -37.50 0.42
C CYS A 6 -34.00 -36.06 0.90
N ALA A 7 -34.87 -35.85 1.88
CA ALA A 7 -35.07 -34.51 2.42
C ALA A 7 -33.76 -33.93 2.94
N LYS A 8 -32.96 -34.75 3.62
CA LYS A 8 -31.74 -34.24 4.24
C LYS A 8 -30.74 -33.77 3.19
N VAL A 9 -30.54 -34.57 2.13
CA VAL A 9 -29.57 -34.17 1.11
C VAL A 9 -30.11 -33.04 0.25
N ASP A 10 -31.43 -32.92 0.11
CA ASP A 10 -31.99 -31.75 -0.55
C ASP A 10 -31.72 -30.49 0.25
N LEU A 11 -31.95 -30.55 1.57
CA LEU A 11 -31.70 -29.39 2.43
C LEU A 11 -30.22 -29.05 2.44
N GLU A 12 -29.36 -30.06 2.53
CA GLU A 12 -27.92 -29.81 2.49
C GLU A 12 -27.51 -29.21 1.15
N ASN A 13 -28.11 -29.66 0.06
CA ASN A 13 -27.78 -29.10 -1.25
C ASN A 13 -28.18 -27.63 -1.33
N ALA A 14 -29.41 -27.30 -0.92
CA ALA A 14 -29.82 -25.91 -0.91
C ALA A 14 -28.91 -25.06 -0.03
N GLU A 15 -28.56 -25.57 1.16
CA GLU A 15 -27.71 -24.84 2.08
C GLU A 15 -26.31 -24.66 1.52
N LEU A 16 -25.77 -25.69 0.88
CA LEU A 16 -24.43 -25.60 0.29
C LEU A 16 -24.41 -24.62 -0.87
N ARG A 17 -25.50 -24.57 -1.65
CA ARG A 17 -25.58 -23.60 -2.73
C ARG A 17 -25.61 -22.17 -2.18
N ARG A 18 -26.40 -21.94 -1.13
CA ARG A 18 -26.41 -20.61 -0.52
C ARG A 18 -25.03 -20.25 0.03
N LYS A 19 -24.40 -21.19 0.76
CA LYS A 19 -23.08 -20.93 1.33
C LYS A 19 -22.06 -20.66 0.24
N LEU A 20 -22.18 -21.34 -0.90
CA LEU A 20 -21.24 -21.14 -1.99
C LEU A 20 -21.46 -19.80 -2.67
N ILE A 21 -22.71 -19.34 -2.75
CA ILE A 21 -22.97 -18.00 -3.27
C ILE A 21 -22.35 -16.95 -2.36
N ARG A 22 -22.62 -17.06 -1.05
CA ARG A 22 -22.05 -16.09 -0.10
C ARG A 22 -20.54 -16.10 -0.14
N THR A 23 -19.92 -17.29 -0.11
CA THR A 23 -18.48 -17.38 -0.06
C THR A 23 -17.85 -16.92 -1.38
N LYS A 24 -18.51 -17.22 -2.50
CA LYS A 24 -18.04 -16.75 -3.80
C LYS A 24 -18.08 -15.22 -3.88
N ARG A 25 -19.19 -14.62 -3.42
CA ARG A 25 -19.30 -13.18 -3.40
C ARG A 25 -18.23 -12.56 -2.51
N ALA A 26 -18.01 -13.14 -1.33
CA ALA A 26 -16.97 -12.63 -0.43
C ALA A 26 -15.59 -12.73 -1.05
N PHE A 27 -15.31 -13.85 -1.74
CA PHE A 27 -13.99 -14.01 -2.35
C PHE A 27 -13.80 -13.07 -3.53
N GLU A 28 -14.85 -12.84 -4.32
CA GLU A 28 -14.73 -11.93 -5.45
C GLU A 28 -14.59 -10.49 -4.99
N ASP A 29 -15.22 -10.12 -3.86
CA ASP A 29 -15.07 -8.78 -3.33
C ASP A 29 -13.68 -8.59 -2.72
N THR A 30 -13.24 -9.54 -1.88
CA THR A 30 -11.92 -9.42 -1.28
C THR A 30 -10.84 -9.42 -2.36
N TYR A 31 -10.99 -10.30 -3.36
CA TYR A 31 -10.05 -10.34 -4.47
C TYR A 31 -10.05 -9.03 -5.24
N GLU A 32 -11.23 -8.45 -5.47
CA GLU A 32 -11.31 -7.18 -6.16
C GLU A 32 -10.57 -6.08 -5.40
N LYS A 33 -10.79 -6.01 -4.08
CA LYS A 33 -10.07 -5.03 -3.27
C LYS A 33 -8.57 -5.27 -3.35
N LEU A 34 -8.14 -6.54 -3.36
CA LEU A 34 -6.73 -6.85 -3.50
C LEU A 34 -6.17 -6.37 -4.83
N ARG A 35 -6.94 -6.54 -5.90
CA ARG A 35 -6.47 -6.12 -7.22
C ARG A 35 -6.36 -4.60 -7.31
N MET A 36 -7.37 -3.88 -6.81
CA MET A 36 -7.30 -2.43 -6.75
C MET A 36 -6.09 -1.98 -5.95
N ALA A 37 -5.81 -2.65 -4.82
CA ALA A 37 -4.64 -2.33 -4.03
C ALA A 37 -3.36 -2.60 -4.81
N ASN A 38 -3.34 -3.61 -5.68
CA ASN A 38 -2.15 -3.90 -6.46
C ASN A 38 -1.91 -2.83 -7.52
N LYS A 39 -2.98 -2.36 -8.17
CA LYS A 39 -2.84 -1.26 -9.12
C LYS A 39 -2.32 -0.01 -8.42
N ALA A 40 -2.93 0.36 -7.29
CA ALA A 40 -2.43 1.51 -6.53
C ALA A 40 -0.99 1.31 -6.11
N LYS A 41 -0.61 0.07 -5.78
CA LYS A 41 0.78 -0.26 -5.48
C LYS A 41 1.70 0.10 -6.64
N ALA A 42 1.33 -0.34 -7.85
CA ALA A 42 2.15 -0.03 -9.03
C ALA A 42 2.33 1.47 -9.20
N GLN A 43 1.22 2.22 -9.21
CA GLN A 43 1.30 3.65 -9.45
C GLN A 43 2.13 4.35 -8.38
N VAL A 44 1.89 4.02 -7.11
CA VAL A 44 2.62 4.63 -6.00
C VAL A 44 4.12 4.33 -6.12
N GLU A 45 4.48 3.09 -6.48
CA GLU A 45 5.88 2.76 -6.64
C GLU A 45 6.52 3.56 -7.76
N LYS A 46 5.77 3.78 -8.85
CA LYS A 46 6.27 4.62 -9.92
C LYS A 46 6.57 6.03 -9.43
N ASP A 47 5.59 6.65 -8.77
CA ASP A 47 5.76 8.01 -8.27
C ASP A 47 6.91 8.11 -7.27
N ILE A 48 7.03 7.11 -6.39
CA ILE A 48 8.11 7.09 -5.42
C ILE A 48 9.46 7.04 -6.13
N LYS A 49 9.59 6.12 -7.09
CA LYS A 49 10.82 6.02 -7.87
C LYS A 49 11.18 7.38 -8.49
N ASN A 50 10.18 8.07 -9.04
CA ASN A 50 10.44 9.39 -9.61
C ASN A 50 10.97 10.37 -8.57
N GLN A 51 10.34 10.40 -7.39
CA GLN A 51 10.81 11.31 -6.34
C GLN A 51 12.23 10.96 -5.89
N ILE A 52 12.55 9.67 -5.83
CA ILE A 52 13.90 9.25 -5.46
C ILE A 52 14.90 9.77 -6.49
N LEU A 53 14.56 9.63 -7.77
CA LEU A 53 15.48 10.06 -8.83
C LEU A 53 15.70 11.56 -8.78
N LYS A 54 14.62 12.35 -8.64
CA LYS A 54 14.79 13.79 -8.51
C LYS A 54 15.68 14.13 -7.32
N THR A 55 15.42 13.48 -6.18
CA THR A 55 16.17 13.79 -4.96
C THR A 55 17.64 13.46 -5.14
N HIS A 56 17.96 12.30 -5.71
CA HIS A 56 19.35 11.93 -5.88
C HIS A 56 20.04 12.79 -6.92
N ASN A 57 19.32 13.25 -7.94
CA ASN A 57 19.91 14.19 -8.90
C ASN A 57 20.28 15.49 -8.20
N VAL A 58 19.38 16.00 -7.35
CA VAL A 58 19.67 17.21 -6.58
C VAL A 58 20.89 17.00 -5.71
N LEU A 59 20.89 15.93 -4.91
CA LEU A 59 21.97 15.67 -3.97
C LEU A 59 23.30 15.46 -4.68
N ARG A 60 23.29 14.69 -5.77
CA ARG A 60 24.52 14.43 -6.51
C ARG A 60 25.08 15.71 -7.10
N ASN A 61 24.21 16.58 -7.62
CA ASN A 61 24.72 17.83 -8.17
C ASN A 61 25.15 18.81 -7.08
N VAL A 62 24.92 18.49 -5.82
CA VAL A 62 25.44 19.29 -4.71
C VAL A 62 26.87 18.84 -4.39
N ARG B 32 28.77 23.81 -9.74
CA ARG B 32 28.58 25.24 -9.58
C ARG B 32 27.64 25.58 -8.43
N LEU B 33 26.94 26.70 -8.59
CA LEU B 33 25.94 27.24 -7.66
C LEU B 33 26.52 27.66 -6.32
N GLU B 34 26.17 28.86 -5.89
CA GLU B 34 26.57 29.39 -4.59
C GLU B 34 25.67 28.83 -3.50
N CYS B 35 26.08 29.07 -2.25
CA CYS B 35 25.39 28.46 -1.12
C CYS B 35 23.91 28.85 -1.07
N ILE B 36 23.59 30.11 -1.36
CA ILE B 36 22.18 30.52 -1.31
C ILE B 36 21.38 29.77 -2.37
N ASP B 37 21.97 29.55 -3.55
CA ASP B 37 21.29 28.79 -4.60
C ASP B 37 21.11 27.33 -4.18
N VAL B 38 22.15 26.73 -3.60
CA VAL B 38 22.01 25.37 -3.10
C VAL B 38 20.87 25.28 -2.10
N CYS B 39 20.85 26.21 -1.14
CA CYS B 39 19.76 26.25 -0.17
CA CYS B 39 19.76 26.25 -0.17
C CYS B 39 18.40 26.30 -0.88
N SER B 40 18.27 27.15 -1.90
CA SER B 40 17.00 27.25 -2.61
C SER B 40 16.62 25.92 -3.25
N VAL B 41 17.55 25.29 -3.97
CA VAL B 41 17.25 24.04 -4.66
C VAL B 41 16.88 22.95 -3.65
N LEU B 42 17.66 22.83 -2.58
CA LEU B 42 17.33 21.86 -1.54
C LEU B 42 15.96 22.14 -0.95
N THR B 43 15.65 23.42 -0.73
CA THR B 43 14.38 23.80 -0.14
C THR B 43 13.22 23.40 -1.04
N ASN B 44 13.36 23.68 -2.35
CA ASN B 44 12.31 23.32 -3.29
C ASN B 44 12.11 21.80 -3.36
N ARG B 45 13.22 21.05 -3.37
CA ARG B 45 13.10 19.60 -3.37
C ARG B 45 12.39 19.11 -2.12
N LEU B 46 12.76 19.67 -0.95
CA LEU B 46 12.15 19.24 0.32
C LEU B 46 10.67 19.59 0.37
N GLU B 47 10.30 20.78 -0.12
CA GLU B 47 8.90 21.16 -0.14
C GLU B 47 8.10 20.20 -1.00
N GLU B 48 8.63 19.87 -2.18
CA GLU B 48 7.89 18.94 -3.03
C GLU B 48 7.83 17.55 -2.38
N LEU B 49 8.87 17.17 -1.63
CA LEU B 49 8.86 15.87 -0.99
C LEU B 49 7.83 15.83 0.14
N ALA B 50 7.72 16.92 0.91
CA ALA B 50 6.67 17.00 1.92
C ALA B 50 5.30 16.85 1.29
N GLY B 51 5.05 17.61 0.22
CA GLY B 51 3.77 17.48 -0.47
C GLY B 51 3.54 16.08 -0.99
N PHE B 52 4.59 15.44 -1.51
CA PHE B 52 4.44 14.12 -2.11
C PHE B 52 4.10 13.08 -1.04
N LEU B 53 4.84 13.07 0.06
CA LEU B 53 4.53 12.15 1.17
C LEU B 53 3.10 12.37 1.66
N ASN B 54 2.71 13.63 1.83
CA ASN B 54 1.34 13.91 2.22
C ASN B 54 0.36 13.32 1.20
N SER B 55 0.69 13.40 -0.09
CA SER B 55 -0.19 12.78 -1.09
C SER B 55 -0.20 11.27 -0.94
N LEU B 56 0.87 10.69 -0.41
CA LEU B 56 0.86 9.26 -0.12
C LEU B 56 -0.14 8.95 0.98
N LEU B 57 -0.35 9.88 1.91
CA LEU B 57 -1.38 9.62 2.92
C LEU B 57 -2.80 9.73 2.38
N LYS B 58 -2.99 10.23 1.16
CA LYS B 58 -4.32 10.40 0.60
C LYS B 58 -4.65 9.31 -0.42
N ARG C 32 18.49 31.34 12.65
CA ARG C 32 19.71 31.70 13.38
C ARG C 32 20.89 30.94 12.80
N LEU C 33 20.60 30.09 11.81
CA LEU C 33 21.63 29.32 11.13
C LEU C 33 22.13 30.06 9.89
N GLU C 34 23.44 30.01 9.67
CA GLU C 34 24.00 30.61 8.48
C GLU C 34 23.75 29.70 7.29
N CYS C 35 24.02 30.24 6.10
CA CYS C 35 23.65 29.56 4.86
C CYS C 35 24.29 28.17 4.75
N ILE C 36 25.56 28.04 5.12
CA ILE C 36 26.20 26.74 5.01
C ILE C 36 25.52 25.74 5.95
N ASP C 37 25.12 26.19 7.15
CA ASP C 37 24.42 25.32 8.09
C ASP C 37 23.05 24.93 7.56
N VAL C 38 22.31 25.88 6.99
CA VAL C 38 21.03 25.54 6.38
C VAL C 38 21.22 24.48 5.30
N CYS C 39 22.24 24.69 4.44
CA CYS C 39 22.52 23.71 3.39
CA CYS C 39 22.52 23.71 3.39
C CYS C 39 22.76 22.32 4.00
N SER C 40 23.55 22.26 5.07
CA SER C 40 23.82 20.96 5.71
C SER C 40 22.54 20.32 6.24
N VAL C 41 21.72 21.08 6.95
CA VAL C 41 20.50 20.53 7.53
C VAL C 41 19.55 20.06 6.43
N LEU C 42 19.35 20.89 5.40
CA LEU C 42 18.50 20.47 4.28
C LEU C 42 19.07 19.24 3.62
N THR C 43 20.40 19.17 3.47
CA THR C 43 21.02 18.02 2.82
C THR C 43 20.77 16.76 3.64
N ASN C 44 20.93 16.85 4.96
CA ASN C 44 20.70 15.69 5.82
C ASN C 44 19.25 15.23 5.75
N ARG C 45 18.30 16.17 5.79
CA ARG C 45 16.90 15.81 5.66
C ARG C 45 16.63 15.14 4.33
N LEU C 46 17.18 15.70 3.26
CA LEU C 46 16.96 15.16 1.92
C LEU C 46 17.55 13.76 1.79
N GLU C 47 18.75 13.56 2.35
CA GLU C 47 19.37 12.23 2.30
C GLU C 47 18.51 11.21 3.03
N GLU C 48 18.03 11.56 4.23
CA GLU C 48 17.19 10.60 4.94
C GLU C 48 15.88 10.37 4.20
N LEU C 49 15.37 11.38 3.50
CA LEU C 49 14.14 11.20 2.75
C LEU C 49 14.35 10.28 1.55
N ALA C 50 15.50 10.41 0.89
CA ALA C 50 15.83 9.47 -0.18
C ALA C 50 15.86 8.05 0.35
N GLY C 51 16.58 7.85 1.47
CA GLY C 51 16.63 6.52 2.05
C GLY C 51 15.25 6.01 2.44
N PHE C 52 14.41 6.90 2.98
CA PHE C 52 13.09 6.48 3.46
C PHE C 52 12.21 6.05 2.30
N LEU C 53 12.14 6.87 1.24
CA LEU C 53 11.37 6.49 0.06
C LEU C 53 11.86 5.17 -0.50
N ASN C 54 13.19 5.01 -0.58
CA ASN C 54 13.74 3.72 -1.01
C ASN C 54 13.24 2.60 -0.12
N SER C 55 13.15 2.83 1.19
CA SER C 55 12.62 1.79 2.07
C SER C 55 11.15 1.51 1.79
N LEU C 56 10.42 2.51 1.29
CA LEU C 56 9.04 2.25 0.84
C LEU C 56 9.01 1.33 -0.36
N LEU C 57 10.03 1.39 -1.22
CA LEU C 57 10.01 0.44 -2.33
C LEU C 57 10.30 -1.00 -1.92
N LYS C 58 10.69 -1.25 -0.67
CA LYS C 58 11.02 -2.60 -0.25
C LYS C 58 9.88 -3.25 0.55
N SER D 3 -40.13 -37.62 -7.21
CA SER D 3 -39.23 -36.78 -6.43
C SER D 3 -37.96 -36.46 -7.22
N HIS D 4 -36.81 -36.52 -6.55
CA HIS D 4 -35.55 -36.16 -7.17
C HIS D 4 -34.83 -37.42 -7.68
N ASP D 5 -33.59 -37.24 -8.12
CA ASP D 5 -32.69 -38.34 -8.43
C ASP D 5 -31.66 -38.43 -7.32
N CYS D 6 -31.67 -39.54 -6.58
CA CYS D 6 -30.82 -39.69 -5.41
C CYS D 6 -29.35 -39.57 -5.79
N ALA D 7 -28.91 -40.31 -6.80
CA ALA D 7 -27.53 -40.24 -7.25
C ALA D 7 -27.15 -38.82 -7.64
N LYS D 8 -28.05 -38.11 -8.33
CA LYS D 8 -27.72 -36.78 -8.83
C LYS D 8 -27.48 -35.81 -7.68
N VAL D 9 -28.36 -35.81 -6.66
CA VAL D 9 -28.19 -34.88 -5.56
C VAL D 9 -27.03 -35.31 -4.66
N ASP D 10 -26.70 -36.60 -4.63
CA ASP D 10 -25.49 -37.01 -3.92
C ASP D 10 -24.25 -36.44 -4.61
N LEU D 11 -24.17 -36.59 -5.93
CA LEU D 11 -23.03 -36.06 -6.67
C LEU D 11 -22.96 -34.55 -6.57
N GLU D 12 -24.09 -33.87 -6.69
CA GLU D 12 -24.10 -32.43 -6.52
C GLU D 12 -23.68 -32.05 -5.10
N ASN D 13 -24.05 -32.87 -4.12
CA ASN D 13 -23.66 -32.59 -2.74
C ASN D 13 -22.14 -32.67 -2.57
N ALA D 14 -21.54 -33.76 -3.05
CA ALA D 14 -20.09 -33.90 -2.98
C ALA D 14 -19.39 -32.77 -3.73
N GLU D 15 -19.89 -32.44 -4.92
CA GLU D 15 -19.29 -31.40 -5.74
C GLU D 15 -19.41 -30.03 -5.08
N LEU D 16 -20.56 -29.74 -4.48
CA LEU D 16 -20.75 -28.47 -3.78
C LEU D 16 -19.85 -28.38 -2.56
N ARG D 17 -19.65 -29.50 -1.86
CA ARG D 17 -18.73 -29.48 -0.72
C ARG D 17 -17.29 -29.21 -1.18
N ARG D 18 -16.86 -29.86 -2.26
CA ARG D 18 -15.52 -29.61 -2.79
C ARG D 18 -15.38 -28.15 -3.22
N LYS D 19 -16.36 -27.63 -3.98
CA LYS D 19 -16.30 -26.25 -4.41
C LYS D 19 -16.30 -25.28 -3.23
N LEU D 20 -17.04 -25.62 -2.17
CA LEU D 20 -17.10 -24.73 -1.02
C LEU D 20 -15.79 -24.76 -0.24
N ILE D 21 -15.12 -25.91 -0.19
CA ILE D 21 -13.81 -25.97 0.42
C ILE D 21 -12.81 -25.13 -0.36
N ARG D 22 -12.77 -25.32 -1.69
CA ARG D 22 -11.85 -24.54 -2.52
C ARG D 22 -12.13 -23.05 -2.41
N THR D 23 -13.41 -22.65 -2.49
CA THR D 23 -13.76 -21.24 -2.46
C THR D 23 -13.49 -20.65 -1.07
N LYS D 24 -13.73 -21.43 -0.01
CA LYS D 24 -13.43 -20.98 1.33
C LYS D 24 -11.93 -20.74 1.51
N ARG D 25 -11.11 -21.67 1.04
CA ARG D 25 -9.66 -21.51 1.16
C ARG D 25 -9.17 -20.32 0.35
N ALA D 26 -9.74 -20.13 -0.84
CA ALA D 26 -9.35 -18.97 -1.66
C ALA D 26 -9.74 -17.66 -0.99
N PHE D 27 -10.92 -17.61 -0.38
CA PHE D 27 -11.37 -16.39 0.28
C PHE D 27 -10.56 -16.12 1.55
N GLU D 28 -10.20 -17.16 2.29
CA GLU D 28 -9.41 -16.97 3.50
C GLU D 28 -7.99 -16.56 3.16
N ASP D 29 -7.44 -17.04 2.04
CA ASP D 29 -6.11 -16.63 1.61
C ASP D 29 -6.12 -15.19 1.11
N THR D 30 -7.07 -14.85 0.23
CA THR D 30 -7.15 -13.48 -0.26
C THR D 30 -7.41 -12.50 0.89
N TYR D 31 -8.31 -12.89 1.80
CA TYR D 31 -8.60 -12.07 2.97
C TYR D 31 -7.36 -11.89 3.84
N GLU D 32 -6.60 -12.97 4.04
CA GLU D 32 -5.38 -12.88 4.84
C GLU D 32 -4.37 -11.93 4.21
N LYS D 33 -4.17 -12.04 2.89
CA LYS D 33 -3.28 -11.09 2.21
C LYS D 33 -3.77 -9.67 2.37
N LEU D 34 -5.10 -9.48 2.31
CA LEU D 34 -5.67 -8.16 2.51
C LEU D 34 -5.38 -7.63 3.91
N ARG D 35 -5.46 -8.50 4.92
CA ARG D 35 -5.20 -8.08 6.29
C ARG D 35 -3.74 -7.70 6.48
N MET D 36 -2.81 -8.52 5.96
CA MET D 36 -1.40 -8.16 5.99
C MET D 36 -1.15 -6.82 5.31
N ALA D 37 -1.82 -6.58 4.17
CA ALA D 37 -1.67 -5.30 3.49
C ALA D 37 -2.21 -4.15 4.33
N ASN D 38 -3.25 -4.39 5.13
CA ASN D 38 -3.78 -3.32 5.98
C ASN D 38 -2.83 -3.00 7.13
N LYS D 39 -2.23 -4.04 7.75
CA LYS D 39 -1.24 -3.78 8.79
C LYS D 39 -0.04 -3.02 8.23
N ALA D 40 0.51 -3.49 7.11
CA ALA D 40 1.61 -2.78 6.47
C ALA D 40 1.21 -1.35 6.11
N LYS D 41 -0.05 -1.16 5.72
CA LYS D 41 -0.57 0.18 5.46
C LYS D 41 -0.44 1.06 6.70
N ALA D 42 -0.89 0.54 7.85
CA ALA D 42 -0.80 1.31 9.09
C ALA D 42 0.64 1.71 9.38
N GLN D 43 1.56 0.75 9.35
CA GLN D 43 2.95 1.06 9.71
C GLN D 43 3.54 2.09 8.75
N VAL D 44 3.34 1.90 7.45
CA VAL D 44 3.87 2.83 6.46
C VAL D 44 3.31 4.22 6.67
N GLU D 45 2.01 4.33 6.96
CA GLU D 45 1.42 5.64 7.19
C GLU D 45 2.03 6.32 8.42
N LYS D 46 2.30 5.53 9.47
CA LYS D 46 2.98 6.08 10.64
C LYS D 46 4.34 6.65 10.27
N ASP D 47 5.16 5.85 9.60
CA ASP D 47 6.50 6.29 9.23
C ASP D 47 6.45 7.51 8.31
N ILE D 48 5.50 7.52 7.37
CA ILE D 48 5.37 8.66 6.47
C ILE D 48 5.03 9.91 7.26
N LYS D 49 4.04 9.82 8.15
CA LYS D 49 3.70 10.96 8.99
C LYS D 49 4.91 11.49 9.72
N ASN D 50 5.73 10.58 10.27
CA ASN D 50 6.94 11.00 10.97
C ASN D 50 7.87 11.78 10.04
N GLN D 51 8.09 11.26 8.83
CA GLN D 51 8.95 11.95 7.87
C GLN D 51 8.39 13.31 7.48
N ILE D 52 7.07 13.42 7.35
CA ILE D 52 6.44 14.70 7.04
C ILE D 52 6.72 15.70 8.16
N LEU D 53 6.57 15.25 9.41
CA LEU D 53 6.80 16.14 10.54
C LEU D 53 8.24 16.61 10.61
N LYS D 54 9.20 15.68 10.44
CA LYS D 54 10.60 16.09 10.42
C LYS D 54 10.84 17.12 9.33
N THR D 55 10.32 16.85 8.13
CA THR D 55 10.56 17.73 7.00
C THR D 55 9.98 19.12 7.25
N HIS D 56 8.75 19.18 7.77
CA HIS D 56 8.14 20.48 8.01
C HIS D 56 8.83 21.22 9.15
N ASN D 57 9.35 20.50 10.15
CA ASN D 57 10.11 21.17 11.20
C ASN D 57 11.37 21.80 10.63
N VAL D 58 12.08 21.07 9.76
CA VAL D 58 13.26 21.62 9.09
C VAL D 58 12.88 22.86 8.29
N LEU D 59 11.88 22.73 7.41
CA LEU D 59 11.49 23.82 6.53
C LEU D 59 11.03 25.05 7.30
N ARG D 60 10.15 24.84 8.28
CA ARG D 60 9.67 25.96 9.10
C ARG D 60 10.80 26.64 9.83
N ASN D 61 11.73 25.85 10.38
CA ASN D 61 12.87 26.41 11.09
C ASN D 61 13.93 26.98 10.17
N VAL D 62 13.77 26.84 8.84
CA VAL D 62 14.67 27.50 7.90
C VAL D 62 14.18 28.93 7.71
N ARG D 63 13.04 29.09 7.04
CA ARG D 63 12.42 30.39 6.71
C ARG D 63 13.44 31.49 6.42
ZN ZN E . -33.01 -39.39 -2.57
C1 EDO F . 11.32 19.15 -7.89
O1 EDO F . 10.38 19.66 -6.94
C2 EDO F . 12.69 19.77 -7.64
O2 EDO F . 12.52 20.94 -6.84
C1 EDO G . 17.74 13.31 9.31
O1 EDO G . 16.37 13.09 9.64
C2 EDO G . 17.96 14.79 9.05
O2 EDO G . 17.04 15.53 9.86
O16 TCE H . 1.03 -3.43 0.22
O16 TCE H . 0.64 -4.14 0.20
C14 TCE H . 0.89 -2.68 1.22
C14 TCE H . 0.87 -3.11 0.89
O15 TCE H . 0.54 -3.19 2.32
O15 TCE H . 1.89 -3.05 1.62
C5 TCE H . 1.14 -1.18 1.11
C5 TCE H . -0.10 -1.93 0.82
C2 TCE H . 1.21 -0.83 -0.38
C2 TCE H . 0.35 -0.86 1.80
P TCE H . 1.08 1.00 -0.62
P TCE H . 0.79 0.69 0.87
C3 TCE H . -0.51 1.37 -1.51
C3 TCE H . -0.74 1.50 0.18
C6 TCE H . -1.28 0.07 -1.69
C6 TCE H . -1.08 0.93 -1.19
C8 TCE H . -2.66 0.20 -1.04
C8 TCE H . -2.50 0.37 -1.17
O10 TCE H . -3.61 0.73 -1.67
O10 TCE H . -3.13 0.20 -2.24
O9 TCE H . -2.84 -0.22 0.13
O9 TCE H . -3.05 0.07 -0.07
C1 TCE H . 1.12 1.88 1.02
C1 TCE H . 1.99 0.29 -0.50
C4 TCE H . 0.08 2.99 1.01
C4 TCE H . 2.60 1.58 -1.03
C11 TCE H . 0.65 4.22 1.72
C11 TCE H . 4.12 1.46 -1.07
O12 TCE H . 0.32 4.48 2.91
O12 TCE H . 4.79 1.60 -0.02
O13 TCE H . 1.46 4.96 1.12
O13 TCE H . 4.71 1.22 -2.17
#